data_8T92
#
_entry.id   8T92
#
_cell.length_a   62.532
_cell.length_b   104.128
_cell.length_c   103.862
_cell.angle_alpha   90.00
_cell.angle_beta   90.00
_cell.angle_gamma   90.00
#
_symmetry.space_group_name_H-M   'C 2 2 21'
#
loop_
_entity.id
_entity.type
_entity.pdbx_description
1 polymer Kinase
2 non-polymer "ADENOSINE-5'-DIPHOSPHATE"
3 non-polymer 'MAGNESIUM ION'
4 non-polymer '(1S,2R,3R,4S,5R,6R)-5,6-dihydroxycyclohexane-1,2,3,4-tetrayl tetrakis[dihydrogen (phosphate)]'
5 non-polymer 'PHOSPHATE ION'
6 water water
#
_entity_poly.entity_id   1
_entity_poly.type   'polypeptide(L)'
_entity_poly.pdbx_seq_one_letter_code
;DITNMSNIDLQSSKSVADEVIADIAEIVNKESIRIFPRIAGRSYIIYGQTSGIICKRMEKSDNEFVIYNYISEHYDKFLK
KYVPKLYGKNNDMLLLEDLTYNYNNPNVMDVKIGARKRKSHTSGFFSIRGYTNSHDYKFDPDEYLTSESTINHIKNFMEA
GGENRDKTKQVLLKWIMKLSELANDLFEINLKFDGVSLIFIYDDDCSKCDVNVVDFSRVKLIDTNDQMTISAVTNLIKIL
SELADNPLN
;
_entity_poly.pdbx_strand_id   A
#
loop_
_chem_comp.id
_chem_comp.type
_chem_comp.name
_chem_comp.formula
ADP non-polymer ADENOSINE-5'-DIPHOSPHATE 'C10 H15 N5 O10 P2'
MG non-polymer 'MAGNESIUM ION' 'Mg 2'
PO4 non-polymer 'PHOSPHATE ION' 'O4 P -3'
XID non-polymer '(1S,2R,3R,4S,5R,6R)-5,6-dihydroxycyclohexane-1,2,3,4-tetrayl tetrakis[dihydrogen (phosphate)]' 'C6 H16 O18 P4'
#
# COMPACT_ATOMS: atom_id res chain seq x y z
N SER A 32 -11.89 22.05 13.91
CA SER A 32 -12.82 21.11 13.21
C SER A 32 -12.11 20.42 12.04
N ILE A 33 -10.80 20.69 11.86
CA ILE A 33 -9.80 19.88 11.09
C ILE A 33 -9.34 18.67 11.94
N ARG A 34 -9.59 17.45 11.45
CA ARG A 34 -9.22 16.18 12.12
C ARG A 34 -8.09 15.52 11.31
N ILE A 35 -6.90 15.44 11.88
CA ILE A 35 -5.71 14.84 11.23
C ILE A 35 -5.98 13.34 11.05
N PHE A 36 -5.58 12.80 9.90
CA PHE A 36 -5.85 11.37 9.57
C PHE A 36 -4.75 10.57 10.22
N PRO A 37 -5.04 9.44 10.87
CA PRO A 37 -3.98 8.64 11.48
C PRO A 37 -3.20 7.83 10.42
N ARG A 38 -2.38 8.49 9.63
CA ARG A 38 -1.39 7.84 8.73
C ARG A 38 -0.61 6.76 9.48
N ILE A 39 -0.05 5.83 8.74
CA ILE A 39 0.80 4.76 9.30
C ILE A 39 2.25 5.04 8.89
N ALA A 40 2.44 5.83 7.83
CA ALA A 40 3.76 6.23 7.26
C ALA A 40 3.55 7.49 6.41
N GLY A 41 4.60 7.96 5.73
CA GLY A 41 4.56 9.18 4.91
C GLY A 41 4.90 10.41 5.73
N ARG A 42 5.15 11.56 5.07
CA ARG A 42 5.41 12.88 5.71
C ARG A 42 4.33 13.88 5.27
N SER A 43 3.39 13.48 4.41
CA SER A 43 2.42 14.39 3.78
C SER A 43 1.30 14.70 4.76
N TYR A 44 0.82 15.92 4.77
CA TYR A 44 -0.36 16.35 5.53
C TYR A 44 -1.57 15.62 4.93
N ILE A 45 -2.20 14.77 5.71
CA ILE A 45 -3.48 14.13 5.34
C ILE A 45 -4.50 14.42 6.45
N ILE A 46 -5.64 14.96 6.07
CA ILE A 46 -6.76 15.22 7.01
C ILE A 46 -7.99 14.45 6.53
N TYR A 47 -8.91 14.16 7.45
CA TYR A 47 -10.28 13.70 7.12
C TYR A 47 -10.97 14.77 6.26
N GLY A 48 -11.73 14.36 5.24
CA GLY A 48 -12.64 15.27 4.53
C GLY A 48 -13.68 15.82 5.48
N GLN A 49 -14.34 16.92 5.12
CA GLN A 49 -15.46 17.49 5.92
C GLN A 49 -16.67 16.58 5.78
N THR A 50 -16.64 15.59 4.90
CA THR A 50 -17.71 14.57 4.75
C THR A 50 -17.10 13.15 4.77
N SER A 51 -17.95 12.18 5.03
CA SER A 51 -17.65 10.74 5.20
C SER A 51 -16.93 10.18 3.97
N GLY A 52 -15.96 9.31 4.23
CA GLY A 52 -15.37 8.36 3.26
C GLY A 52 -14.29 9.01 2.44
N ILE A 53 -13.87 10.22 2.80
CA ILE A 53 -12.91 11.02 1.99
C ILE A 53 -11.75 11.40 2.91
N ILE A 54 -10.53 11.39 2.39
CA ILE A 54 -9.37 12.01 3.08
C ILE A 54 -8.81 13.02 2.11
N CYS A 55 -8.21 14.09 2.63
CA CYS A 55 -7.53 15.11 1.80
C CYS A 55 -6.03 14.97 2.03
N LYS A 56 -5.31 14.66 0.96
CA LYS A 56 -3.83 14.57 0.94
C LYS A 56 -3.31 15.81 0.24
N ARG A 57 -2.44 16.57 0.91
CA ARG A 57 -1.77 17.76 0.34
C ARG A 57 -0.63 17.31 -0.57
N MET A 58 -0.58 17.89 -1.76
CA MET A 58 0.55 17.68 -2.68
C MET A 58 1.61 18.70 -2.26
N GLU A 59 2.63 18.24 -1.53
CA GLU A 59 3.56 19.13 -0.78
C GLU A 59 4.49 19.85 -1.77
N LYS A 60 5.05 19.14 -2.75
CA LYS A 60 6.23 19.55 -3.54
C LYS A 60 5.85 19.93 -4.98
N SER A 61 4.97 19.16 -5.61
CA SER A 61 4.44 19.40 -6.98
C SER A 61 3.03 18.81 -7.07
N ASP A 62 2.35 19.07 -8.19
CA ASP A 62 1.05 18.45 -8.54
C ASP A 62 1.27 17.15 -9.36
N ASN A 63 2.49 16.61 -9.39
CA ASN A 63 2.80 15.45 -10.24
C ASN A 63 1.84 14.30 -9.89
N GLU A 64 1.43 14.16 -8.63
CA GLU A 64 0.54 13.05 -8.23
C GLU A 64 -0.79 13.20 -9.00
N PHE A 65 -1.27 14.43 -9.20
CA PHE A 65 -2.54 14.69 -9.92
C PHE A 65 -2.35 14.40 -11.40
N VAL A 66 -1.24 14.88 -11.94
CA VAL A 66 -0.89 14.64 -13.37
C VAL A 66 -0.90 13.11 -13.59
N ILE A 67 -0.32 12.34 -12.70
CA ILE A 67 -0.21 10.88 -12.86
C ILE A 67 -1.57 10.23 -12.69
N TYR A 68 -2.40 10.57 -11.69
CA TYR A 68 -3.77 10.01 -11.60
C TYR A 68 -4.49 10.21 -12.94
N ASN A 69 -4.35 11.39 -13.56
CA ASN A 69 -5.09 11.73 -14.80
C ASN A 69 -4.54 10.90 -15.96
N TYR A 70 -3.23 10.75 -16.05
CA TYR A 70 -2.58 9.93 -17.11
C TYR A 70 -3.06 8.48 -17.00
N ILE A 71 -3.01 7.90 -15.82
CA ILE A 71 -3.42 6.49 -15.62
C ILE A 71 -4.90 6.38 -15.95
N SER A 72 -5.66 7.41 -15.66
CA SER A 72 -7.12 7.39 -15.88
C SER A 72 -7.40 7.28 -17.39
N GLU A 73 -6.60 7.93 -18.23
CA GLU A 73 -6.84 8.00 -19.68
C GLU A 73 -6.18 6.81 -20.40
N HIS A 74 -5.12 6.19 -19.87
CA HIS A 74 -4.31 5.18 -20.60
C HIS A 74 -4.44 3.79 -19.99
N TYR A 75 -4.71 3.67 -18.70
CA TYR A 75 -4.79 2.38 -17.98
C TYR A 75 -5.99 2.42 -17.03
N ASP A 76 -7.16 2.76 -17.53
CA ASP A 76 -8.36 2.99 -16.68
C ASP A 76 -8.63 1.74 -15.84
N LYS A 77 -8.41 0.54 -16.37
CA LYS A 77 -8.77 -0.73 -15.69
C LYS A 77 -7.89 -0.86 -14.44
N PHE A 78 -6.62 -0.51 -14.58
CA PHE A 78 -5.61 -0.57 -13.52
C PHE A 78 -6.10 0.32 -12.37
N LEU A 79 -6.59 1.49 -12.74
CA LEU A 79 -7.02 2.52 -11.78
C LEU A 79 -8.22 1.99 -10.99
N LYS A 80 -9.19 1.38 -11.67
CA LYS A 80 -10.43 0.88 -11.04
C LYS A 80 -10.10 -0.30 -10.12
N LYS A 81 -9.17 -1.16 -10.49
CA LYS A 81 -8.95 -2.40 -9.72
C LYS A 81 -8.04 -2.12 -8.50
N TYR A 82 -7.00 -1.29 -8.63
CA TYR A 82 -5.85 -1.35 -7.69
C TYR A 82 -5.68 -0.05 -6.90
N VAL A 83 -6.38 1.03 -7.25
CA VAL A 83 -6.04 2.38 -6.76
C VAL A 83 -7.26 3.01 -6.10
N PRO A 84 -7.11 3.72 -4.96
CA PRO A 84 -8.26 4.39 -4.35
C PRO A 84 -8.78 5.41 -5.36
N LYS A 85 -10.10 5.58 -5.40
CA LYS A 85 -10.79 6.61 -6.22
C LYS A 85 -10.22 7.98 -5.88
N LEU A 86 -9.95 8.76 -6.90
CA LEU A 86 -9.69 10.21 -6.79
C LEU A 86 -11.00 10.90 -7.15
N TYR A 87 -11.63 11.56 -6.18
CA TYR A 87 -12.96 12.19 -6.39
C TYR A 87 -12.79 13.61 -6.90
N GLY A 88 -11.64 14.22 -6.69
CA GLY A 88 -11.49 15.63 -7.07
C GLY A 88 -10.24 16.25 -6.48
N LYS A 89 -10.07 17.51 -6.80
CA LYS A 89 -8.95 18.34 -6.33
C LYS A 89 -9.56 19.61 -5.74
N ASN A 90 -9.01 20.07 -4.62
CA ASN A 90 -9.31 21.41 -4.04
C ASN A 90 -7.97 22.12 -3.81
N ASN A 91 -7.59 23.03 -4.69
CA ASN A 91 -6.30 23.75 -4.59
C ASN A 91 -5.16 22.71 -4.61
N ASP A 92 -4.50 22.46 -3.48
CA ASP A 92 -3.35 21.53 -3.44
C ASP A 92 -3.78 20.22 -2.77
N MET A 93 -5.06 20.05 -2.43
CA MET A 93 -5.55 18.80 -1.77
C MET A 93 -6.22 17.88 -2.83
N LEU A 94 -5.83 16.60 -2.84
CA LEU A 94 -6.57 15.50 -3.49
C LEU A 94 -7.63 14.95 -2.52
N LEU A 95 -8.89 14.87 -2.96
CA LEU A 95 -9.97 14.16 -2.27
C LEU A 95 -9.95 12.71 -2.76
N LEU A 96 -9.49 11.82 -1.89
CA LEU A 96 -9.27 10.41 -2.17
C LEU A 96 -10.27 9.61 -1.33
N GLU A 97 -10.62 8.44 -1.82
CA GLU A 97 -11.35 7.42 -1.06
C GLU A 97 -10.51 7.06 0.17
N ASP A 98 -11.13 7.14 1.34
CA ASP A 98 -10.54 6.58 2.57
C ASP A 98 -10.62 5.06 2.47
N LEU A 99 -9.49 4.40 2.25
CA LEU A 99 -9.41 2.91 2.22
C LEU A 99 -9.79 2.29 3.56
N THR A 100 -9.78 3.06 4.67
CA THR A 100 -10.11 2.54 6.04
C THR A 100 -11.60 2.68 6.34
N TYR A 101 -12.38 3.31 5.48
CA TYR A 101 -13.72 3.82 5.83
C TYR A 101 -14.67 2.70 6.25
N ASN A 102 -14.69 1.57 5.56
CA ASN A 102 -15.71 0.50 5.77
C ASN A 102 -15.31 -0.50 6.87
N TYR A 103 -14.34 -0.17 7.73
CA TYR A 103 -13.80 -1.10 8.74
C TYR A 103 -14.11 -0.58 10.13
N ASN A 104 -14.65 -1.46 10.96
CA ASN A 104 -14.75 -1.21 12.43
C ASN A 104 -13.35 -1.12 13.04
N ASN A 105 -12.41 -2.02 12.71
CA ASN A 105 -11.12 -2.10 13.46
C ASN A 105 -9.99 -2.36 12.48
N PRO A 106 -9.68 -1.39 11.60
CA PRO A 106 -8.75 -1.62 10.51
C PRO A 106 -7.35 -1.77 11.08
N ASN A 107 -6.60 -2.72 10.55
CA ASN A 107 -5.14 -2.78 10.68
C ASN A 107 -4.51 -2.47 9.33
N VAL A 108 -3.56 -1.55 9.30
CA VAL A 108 -2.96 -1.02 8.04
C VAL A 108 -1.46 -1.26 8.06
N MET A 109 -0.92 -1.71 6.92
CA MET A 109 0.54 -1.78 6.65
C MET A 109 0.87 -1.06 5.34
N ASP A 110 1.86 -0.17 5.38
CA ASP A 110 2.39 0.54 4.20
C ASP A 110 3.67 -0.20 3.83
N VAL A 111 3.71 -0.77 2.62
CA VAL A 111 4.92 -1.42 2.03
C VAL A 111 5.27 -0.71 0.74
N LYS A 112 6.43 -0.07 0.71
CA LYS A 112 6.94 0.68 -0.47
C LYS A 112 7.50 -0.37 -1.44
N ILE A 113 6.90 -0.44 -2.64
CA ILE A 113 7.27 -1.46 -3.66
C ILE A 113 8.02 -0.78 -4.81
N GLY A 114 7.83 0.52 -5.01
CA GLY A 114 8.58 1.35 -5.98
C GLY A 114 9.93 1.77 -5.41
N ALA A 115 10.79 2.30 -6.26
CA ALA A 115 12.18 2.62 -5.87
C ALA A 115 12.14 3.74 -4.86
N ARG A 116 13.09 3.71 -3.92
CA ARG A 116 13.44 4.86 -3.04
C ARG A 116 14.19 5.88 -3.87
N LYS A 117 14.31 7.12 -3.41
CA LYS A 117 15.11 8.16 -4.11
C LYS A 117 16.54 7.66 -4.37
N ARG A 118 17.27 7.24 -3.33
CA ARG A 118 18.71 6.86 -3.41
C ARG A 118 18.95 5.53 -2.67
N LYS A 119 18.45 5.37 -1.44
CA LYS A 119 18.72 4.20 -0.56
C LYS A 119 18.21 2.90 -1.18
N SER A 120 18.80 1.78 -0.79
CA SER A 120 18.29 0.43 -1.16
C SER A 120 17.17 0.06 -0.18
N HIS A 121 16.39 -0.98 -0.51
CA HIS A 121 15.19 -1.38 0.25
C HIS A 121 15.63 -2.06 1.56
N THR A 122 14.92 -1.77 2.65
CA THR A 122 15.11 -2.40 3.98
C THR A 122 14.94 -3.92 3.90
N SER A 123 14.06 -4.46 3.03
CA SER A 123 13.87 -5.93 2.89
C SER A 123 14.26 -6.41 1.49
N GLY A 124 15.14 -5.70 0.79
CA GLY A 124 15.78 -6.18 -0.45
C GLY A 124 14.97 -5.75 -1.66
N PHE A 125 13.76 -6.28 -1.79
CA PHE A 125 12.85 -6.03 -2.94
C PHE A 125 11.79 -4.97 -2.61
N PHE A 126 11.58 -4.65 -1.34
CA PHE A 126 10.55 -3.72 -0.83
C PHE A 126 10.93 -3.29 0.59
N SER A 127 10.29 -2.23 1.10
CA SER A 127 10.54 -1.66 2.44
C SER A 127 9.19 -1.54 3.17
N ILE A 128 9.00 -2.25 4.29
CA ILE A 128 7.87 -1.93 5.21
C ILE A 128 8.14 -0.54 5.79
N ARG A 129 7.21 0.40 5.59
CA ARG A 129 7.37 1.79 6.09
C ARG A 129 6.61 1.94 7.41
N GLY A 130 5.63 1.09 7.71
CA GLY A 130 4.87 1.17 8.97
C GLY A 130 3.71 0.21 9.03
N TYR A 131 3.19 -0.04 10.24
CA TYR A 131 1.89 -0.70 10.42
C TYR A 131 1.28 -0.34 11.78
N THR A 132 -0.03 -0.57 11.91
CA THR A 132 -0.84 -0.36 13.12
C THR A 132 -0.14 -1.11 14.26
N ASN A 133 0.17 -0.40 15.34
CA ASN A 133 0.72 -0.91 16.63
C ASN A 133 2.18 -1.36 16.45
N SER A 134 2.90 -0.80 15.49
CA SER A 134 4.27 -1.32 15.20
C SER A 134 5.24 -0.93 16.33
N HIS A 135 4.97 0.18 16.99
CA HIS A 135 5.77 0.64 18.15
C HIS A 135 5.83 -0.49 19.19
N ASP A 136 4.74 -1.22 19.41
CA ASP A 136 4.67 -2.37 20.35
C ASP A 136 5.74 -3.45 20.04
N TYR A 137 6.21 -3.56 18.79
CA TYR A 137 7.18 -4.59 18.35
C TYR A 137 8.53 -3.95 18.01
N LYS A 138 8.70 -2.68 18.34
CA LYS A 138 9.99 -1.95 18.19
C LYS A 138 10.37 -1.87 16.72
N PHE A 139 9.37 -1.76 15.86
CA PHE A 139 9.58 -1.55 14.41
C PHE A 139 10.28 -0.20 14.21
N ASP A 140 11.23 -0.14 13.29
CA ASP A 140 12.03 1.06 12.99
C ASP A 140 12.22 1.11 11.49
N PRO A 141 11.60 2.08 10.80
CA PRO A 141 11.67 2.14 9.34
C PRO A 141 13.07 2.37 8.78
N ASP A 142 14.03 2.69 9.64
CA ASP A 142 15.45 2.97 9.24
C ASP A 142 16.25 1.67 9.24
N GLU A 143 15.76 0.64 9.94
CA GLU A 143 16.46 -0.64 10.19
C GLU A 143 16.40 -1.54 8.94
N TYR A 144 17.56 -1.96 8.44
CA TYR A 144 17.71 -2.98 7.37
C TYR A 144 17.47 -4.35 7.99
N LEU A 145 16.67 -5.17 7.32
CA LEU A 145 16.15 -6.44 7.87
C LEU A 145 16.67 -7.64 7.05
N THR A 146 16.90 -8.76 7.72
CA THR A 146 17.05 -10.11 7.15
C THR A 146 15.69 -10.58 6.66
N SER A 147 15.65 -11.65 5.87
CA SER A 147 14.41 -12.40 5.52
C SER A 147 13.61 -12.74 6.76
N GLU A 148 14.26 -13.25 7.82
CA GLU A 148 13.56 -13.73 9.05
C GLU A 148 12.81 -12.55 9.70
N SER A 149 13.45 -11.39 9.85
CA SER A 149 12.89 -10.19 10.50
C SER A 149 11.77 -9.60 9.64
N THR A 150 11.96 -9.57 8.32
CA THR A 150 10.91 -9.18 7.35
C THR A 150 9.65 -10.01 7.62
N ILE A 151 9.79 -11.32 7.57
CA ILE A 151 8.66 -12.25 7.78
C ILE A 151 8.10 -11.96 9.17
N ASN A 152 8.93 -11.82 10.18
CA ASN A 152 8.43 -11.62 11.57
C ASN A 152 7.59 -10.33 11.64
N HIS A 153 8.01 -9.23 11.01
CA HIS A 153 7.23 -7.95 11.01
C HIS A 153 5.88 -8.13 10.35
N ILE A 154 5.80 -8.90 9.26
CA ILE A 154 4.50 -9.20 8.59
C ILE A 154 3.65 -10.06 9.53
N LYS A 155 4.26 -11.05 10.19
CA LYS A 155 3.56 -11.83 11.25
C LYS A 155 3.06 -10.91 12.35
N ASN A 156 3.86 -9.94 12.79
CA ASN A 156 3.46 -8.96 13.84
C ASN A 156 2.16 -8.28 13.41
N PHE A 157 2.16 -7.71 12.20
CA PHE A 157 1.01 -6.99 11.62
C PHE A 157 -0.23 -7.87 11.63
N MET A 158 -0.07 -9.19 11.48
CA MET A 158 -1.22 -10.13 11.38
C MET A 158 -1.72 -10.49 12.79
N GLU A 159 -1.03 -10.16 13.88
CA GLU A 159 -1.36 -10.65 15.26
C GLU A 159 -2.74 -10.14 15.71
N ALA A 160 -3.12 -8.90 15.39
CA ALA A 160 -4.43 -8.33 15.77
C ALA A 160 -5.58 -9.13 15.13
N GLY A 161 -5.29 -9.92 14.10
CA GLY A 161 -6.25 -10.84 13.48
C GLY A 161 -6.57 -12.06 14.34
N GLY A 162 -5.99 -12.17 15.54
CA GLY A 162 -6.39 -13.18 16.54
C GLY A 162 -5.95 -14.59 16.15
N GLU A 163 -6.49 -15.60 16.83
CA GLU A 163 -5.91 -16.97 16.90
C GLU A 163 -6.64 -17.93 15.93
N ASN A 164 -7.57 -17.41 15.13
CA ASN A 164 -8.32 -18.25 14.17
C ASN A 164 -7.54 -18.34 12.86
N ARG A 165 -6.87 -19.48 12.69
CA ARG A 165 -5.99 -19.78 11.55
C ARG A 165 -6.79 -19.75 10.24
N ASP A 166 -7.98 -20.32 10.18
CA ASP A 166 -8.74 -20.36 8.90
C ASP A 166 -9.01 -18.93 8.42
N LYS A 167 -9.45 -18.07 9.34
CA LYS A 167 -9.78 -16.65 9.05
C LYS A 167 -8.55 -15.85 8.59
N THR A 168 -7.41 -16.00 9.23
CA THR A 168 -6.19 -15.25 8.84
C THR A 168 -5.70 -15.74 7.48
N LYS A 169 -5.81 -17.04 7.25
CA LYS A 169 -5.38 -17.68 5.99
C LYS A 169 -6.20 -17.09 4.84
N GLN A 170 -7.51 -16.91 5.04
CA GLN A 170 -8.42 -16.31 4.05
C GLN A 170 -8.00 -14.86 3.79
N VAL A 171 -7.59 -14.12 4.83
CA VAL A 171 -7.08 -12.75 4.55
C VAL A 171 -5.81 -12.81 3.66
N LEU A 172 -4.84 -13.67 3.95
CA LEU A 172 -3.61 -13.82 3.16
C LEU A 172 -3.97 -14.24 1.72
N LEU A 173 -4.88 -15.20 1.56
CA LEU A 173 -5.27 -15.74 0.24
C LEU A 173 -5.97 -14.66 -0.57
N LYS A 174 -6.80 -13.82 0.04
CA LYS A 174 -7.43 -12.72 -0.71
C LYS A 174 -6.34 -11.72 -1.17
N TRP A 175 -5.37 -11.41 -0.32
CA TRP A 175 -4.27 -10.49 -0.68
C TRP A 175 -3.48 -11.10 -1.84
N ILE A 176 -3.20 -12.39 -1.77
CA ILE A 176 -2.42 -13.10 -2.81
C ILE A 176 -3.21 -13.08 -4.14
N MET A 177 -4.50 -13.25 -4.07
CA MET A 177 -5.33 -13.22 -5.27
C MET A 177 -5.14 -11.86 -5.94
N LYS A 178 -5.21 -10.76 -5.22
CA LYS A 178 -5.18 -9.42 -5.87
C LYS A 178 -3.75 -9.03 -6.26
N LEU A 179 -2.73 -9.39 -5.48
CA LEU A 179 -1.32 -9.09 -5.80
C LEU A 179 -0.87 -9.86 -7.07
N SER A 180 -1.33 -11.09 -7.22
CA SER A 180 -1.11 -11.99 -8.37
C SER A 180 -1.57 -11.32 -9.66
N GLU A 181 -2.79 -10.81 -9.66
CA GLU A 181 -3.38 -10.09 -10.78
C GLU A 181 -2.65 -8.75 -10.98
N LEU A 182 -2.28 -8.07 -9.91
CA LEU A 182 -1.52 -6.80 -10.04
C LEU A 182 -0.17 -7.09 -10.74
N ALA A 183 0.56 -8.11 -10.31
CA ALA A 183 1.90 -8.42 -10.84
C ALA A 183 1.77 -8.85 -12.32
N ASN A 184 0.77 -9.69 -12.65
CA ASN A 184 0.36 -10.00 -14.03
C ASN A 184 0.14 -8.71 -14.84
N ASP A 185 -0.81 -7.85 -14.46
CA ASP A 185 -1.14 -6.57 -15.14
C ASP A 185 0.05 -5.60 -15.24
N LEU A 186 0.96 -5.59 -14.27
CA LEU A 186 2.10 -4.64 -14.32
C LEU A 186 3.00 -4.92 -15.55
N PHE A 187 3.00 -6.12 -16.14
CA PHE A 187 3.87 -6.46 -17.29
C PHE A 187 3.50 -5.60 -18.49
N GLU A 188 2.27 -5.10 -18.55
CA GLU A 188 1.74 -4.34 -19.72
C GLU A 188 1.59 -2.85 -19.38
N ILE A 189 2.20 -2.35 -18.30
CA ILE A 189 2.07 -0.92 -17.88
C ILE A 189 3.46 -0.27 -17.91
N ASN A 190 3.62 0.78 -18.73
CA ASN A 190 4.93 1.44 -19.01
C ASN A 190 5.06 2.69 -18.13
N LEU A 191 5.11 2.45 -16.82
CA LEU A 191 5.31 3.48 -15.79
C LEU A 191 6.42 2.95 -14.91
N LYS A 192 7.26 3.85 -14.43
CA LYS A 192 8.23 3.57 -13.36
C LYS A 192 7.55 3.98 -12.05
N PHE A 193 7.24 3.04 -11.16
CA PHE A 193 6.38 3.29 -9.99
C PHE A 193 7.23 3.76 -8.80
N ASP A 194 8.07 4.75 -9.03
CA ASP A 194 9.00 5.27 -7.98
C ASP A 194 8.17 5.76 -6.80
N GLY A 195 8.56 5.32 -5.61
CA GLY A 195 7.97 5.78 -4.34
C GLY A 195 6.60 5.15 -4.03
N VAL A 196 6.02 4.25 -4.86
CA VAL A 196 4.61 3.82 -4.65
C VAL A 196 4.57 2.78 -3.56
N SER A 197 3.48 2.82 -2.80
CA SER A 197 3.23 1.88 -1.71
C SER A 197 2.00 1.03 -1.98
N LEU A 198 2.07 -0.18 -1.45
CA LEU A 198 0.92 -1.08 -1.20
C LEU A 198 0.43 -0.74 0.20
N ILE A 199 -0.87 -0.52 0.33
CA ILE A 199 -1.59 -0.34 1.61
C ILE A 199 -2.42 -1.61 1.83
N PHE A 200 -1.92 -2.49 2.70
CA PHE A 200 -2.61 -3.70 3.21
C PHE A 200 -3.53 -3.31 4.37
N ILE A 201 -4.79 -3.73 4.30
CA ILE A 201 -5.81 -3.41 5.33
C ILE A 201 -6.55 -4.70 5.65
N TYR A 202 -6.72 -4.99 6.92
CA TYR A 202 -7.68 -6.05 7.33
C TYR A 202 -8.37 -5.60 8.61
N ASP A 203 -9.59 -6.07 8.77
CA ASP A 203 -10.38 -5.83 9.98
C ASP A 203 -9.92 -6.82 11.04
N ASP A 204 -9.87 -6.40 12.32
CA ASP A 204 -9.59 -7.26 13.50
C ASP A 204 -10.37 -8.57 13.43
N ASP A 205 -11.64 -8.56 13.01
CA ASP A 205 -12.50 -9.77 12.94
C ASP A 205 -12.14 -10.64 11.71
N CYS A 206 -11.28 -10.18 10.82
CA CYS A 206 -10.81 -10.91 9.60
C CYS A 206 -11.97 -11.12 8.62
N SER A 207 -13.04 -10.34 8.75
CA SER A 207 -14.20 -10.44 7.83
C SER A 207 -13.95 -9.62 6.55
N LYS A 208 -13.02 -8.69 6.59
CA LYS A 208 -12.78 -7.86 5.40
C LYS A 208 -11.30 -7.55 5.24
N CYS A 209 -10.82 -7.47 4.00
CA CYS A 209 -9.41 -7.10 3.75
C CYS A 209 -9.27 -6.54 2.34
N ASP A 210 -8.21 -5.80 2.09
CA ASP A 210 -7.93 -5.26 0.75
C ASP A 210 -6.47 -4.82 0.68
N VAL A 211 -5.97 -4.75 -0.53
CA VAL A 211 -4.66 -4.09 -0.77
C VAL A 211 -4.85 -3.24 -2.02
N ASN A 212 -4.22 -2.08 -2.01
CA ASN A 212 -4.30 -1.05 -3.07
C ASN A 212 -2.93 -0.35 -3.15
N VAL A 213 -2.72 0.25 -4.30
CA VAL A 213 -1.53 1.05 -4.67
C VAL A 213 -1.82 2.53 -4.39
N VAL A 214 -0.89 3.19 -3.71
CA VAL A 214 -0.97 4.65 -3.44
C VAL A 214 0.38 5.36 -3.67
N ASP A 215 0.30 6.67 -3.83
CA ASP A 215 1.44 7.61 -3.76
C ASP A 215 2.11 7.67 -5.12
N PHE A 216 1.55 8.44 -6.02
CA PHE A 216 2.00 8.55 -7.42
C PHE A 216 2.83 9.83 -7.65
N SER A 217 3.32 10.52 -6.61
CA SER A 217 4.00 11.83 -6.82
C SER A 217 5.29 11.66 -7.63
N ARG A 218 5.97 10.52 -7.59
CA ARG A 218 7.27 10.31 -8.30
C ARG A 218 7.14 9.29 -9.44
N VAL A 219 5.94 8.86 -9.81
CA VAL A 219 5.77 7.94 -10.97
C VAL A 219 6.19 8.68 -12.25
N LYS A 220 6.86 7.96 -13.15
CA LYS A 220 7.46 8.45 -14.43
C LYS A 220 6.95 7.64 -15.61
N LEU A 221 6.90 8.26 -16.79
CA LEU A 221 6.64 7.54 -18.07
C LEU A 221 7.94 6.86 -18.50
N ILE A 222 7.87 5.64 -19.03
CA ILE A 222 9.03 4.94 -19.63
C ILE A 222 8.58 4.10 -20.84
N ASP A 223 9.53 3.46 -21.50
CA ASP A 223 9.37 2.75 -22.82
C ASP A 223 9.05 1.27 -22.59
N THR A 224 9.24 0.78 -21.35
CA THR A 224 9.10 -0.65 -20.92
C THR A 224 8.25 -0.75 -19.65
N ASN A 225 8.15 -1.95 -19.10
CA ASN A 225 7.50 -2.19 -17.79
C ASN A 225 8.56 -2.01 -16.68
N ASP A 226 8.12 -1.97 -15.43
CA ASP A 226 8.99 -1.72 -14.24
C ASP A 226 9.28 -3.07 -13.57
N GLN A 227 10.41 -3.68 -13.92
CA GLN A 227 10.78 -5.05 -13.47
C GLN A 227 11.05 -5.05 -11.96
N MET A 228 11.61 -3.96 -11.45
CA MET A 228 11.99 -3.74 -10.04
C MET A 228 10.69 -3.76 -9.20
N THR A 229 9.63 -3.09 -9.66
CA THR A 229 8.33 -3.04 -8.96
C THR A 229 7.66 -4.43 -9.03
N ILE A 230 7.69 -5.09 -10.19
CA ILE A 230 7.15 -6.47 -10.36
C ILE A 230 7.85 -7.43 -9.39
N SER A 231 9.17 -7.29 -9.17
CA SER A 231 9.92 -8.14 -8.21
C SER A 231 9.49 -7.84 -6.78
N ALA A 232 9.19 -6.59 -6.45
CA ALA A 232 8.66 -6.28 -5.11
C ALA A 232 7.36 -7.12 -4.93
N VAL A 233 6.45 -7.09 -5.88
CA VAL A 233 5.13 -7.75 -5.74
C VAL A 233 5.32 -9.28 -5.70
N THR A 234 6.11 -9.87 -6.58
CA THR A 234 6.23 -11.36 -6.62
C THR A 234 6.92 -11.81 -5.35
N ASN A 235 7.84 -11.04 -4.77
CA ASN A 235 8.52 -11.41 -3.49
C ASN A 235 7.50 -11.39 -2.35
N LEU A 236 6.64 -10.37 -2.31
CA LEU A 236 5.54 -10.28 -1.31
C LEU A 236 4.61 -11.49 -1.48
N ILE A 237 4.29 -11.87 -2.73
CA ILE A 237 3.37 -13.01 -3.00
C ILE A 237 4.02 -14.29 -2.48
N LYS A 238 5.33 -14.38 -2.63
CA LYS A 238 6.09 -15.55 -2.12
C LYS A 238 5.97 -15.60 -0.59
N ILE A 239 6.31 -14.53 0.08
CA ILE A 239 6.24 -14.43 1.56
C ILE A 239 4.81 -14.74 2.03
N LEU A 240 3.77 -14.10 1.47
CA LEU A 240 2.37 -14.33 1.95
C LEU A 240 1.97 -15.81 1.70
N SER A 241 2.43 -16.41 0.63
CA SER A 241 2.15 -17.82 0.27
C SER A 241 2.70 -18.77 1.32
N GLU A 242 3.94 -18.52 1.76
CA GLU A 242 4.62 -19.32 2.81
C GLU A 242 3.78 -19.17 4.08
N LEU A 243 3.35 -17.95 4.40
CA LEU A 243 2.50 -17.74 5.60
C LEU A 243 1.17 -18.47 5.43
N ALA A 244 0.50 -18.43 4.27
CA ALA A 244 -0.83 -19.05 4.09
C ALA A 244 -0.68 -20.57 4.22
N ASP A 245 0.49 -21.11 3.84
CA ASP A 245 0.70 -22.58 3.80
C ASP A 245 1.34 -23.12 5.09
N ASN A 246 1.82 -22.32 6.03
CA ASN A 246 2.69 -22.90 7.09
C ASN A 246 1.80 -23.77 7.99
N PRO A 247 2.36 -24.85 8.58
CA PRO A 247 1.61 -25.79 9.39
C PRO A 247 1.28 -25.32 10.82
PB ADP B . 3.29 10.14 1.12
O1B ADP B . 4.21 9.01 1.40
O2B ADP B . 3.37 11.26 2.12
O3B ADP B . 3.39 10.63 -0.33
PA ADP B . 1.09 8.23 0.88
O1A ADP B . 2.14 7.18 0.69
O2A ADP B . 0.19 8.60 -0.26
O3A ADP B . 1.76 9.60 1.33
O5' ADP B . 0.23 7.85 2.16
C5' ADP B . 0.86 7.86 3.47
C4' ADP B . 0.01 7.10 4.44
O4' ADP B . -1.35 7.62 4.39
C3' ADP B . -0.14 5.59 4.17
O3' ADP B . 0.87 4.87 4.86
C2' ADP B . -1.52 5.30 4.73
O2' ADP B . -1.50 5.07 6.13
C1' ADP B . -2.30 6.58 4.43
N9 ADP B . -3.06 6.61 3.18
C8 ADP B . -2.72 7.18 1.96
N7 ADP B . -3.67 7.14 1.06
C5 ADP B . -4.73 6.57 1.73
C6 ADP B . -6.05 6.28 1.34
N6 ADP B . -6.56 6.58 0.15
N1 ADP B . -6.88 5.77 2.29
C2 ADP B . -6.38 5.53 3.51
N3 ADP B . -5.15 5.70 3.97
C4 ADP B . -4.38 6.26 3.04
MG MG C . 4.17 7.25 0.37
MG MG D . 4.91 10.51 -2.02
C1 XID E . 11.45 11.07 3.20
C2 XID E . 10.13 11.53 2.58
C3 XID E . 10.24 11.40 1.06
P3 XID E . 8.95 12.92 -0.86
C4 XID E . 10.37 9.96 0.72
P4 XID E . 9.24 8.88 -1.52
C5 XID E . 11.64 9.38 1.27
P5 XID E . 12.64 7.18 0.24
C6 XID E . 11.72 9.59 2.78
P6 XID E . 13.30 8.11 4.34
O11 XID E . 11.44 11.17 4.65
O12 XID E . 9.88 12.86 2.94
O13 XID E . 9.08 11.86 0.41
O14 XID E . 10.31 9.83 -0.70
O15 XID E . 11.57 8.05 1.00
O16 XID E . 13.03 9.27 3.23
O23 XID E . 8.66 12.28 -2.19
O24 XID E . 8.11 8.69 -0.57
O25 XID E . 12.53 7.65 -1.28
O26 XID E . 12.01 7.55 4.75
O33 XID E . 7.76 13.49 0.17
O34 XID E . 8.90 9.68 -2.84
O35 XID E . 12.20 5.81 0.57
O36 XID E . 14.10 8.85 5.51
O43 XID E . 10.05 14.08 -0.95
O44 XID E . 10.03 7.56 -1.93
O45 XID E . 14.09 7.59 0.87
O46 XID E . 14.24 7.17 3.40
P PO4 F . 7.51 6.72 3.54
O1 PO4 F . 6.28 6.28 2.70
O2 PO4 F . 7.15 6.69 5.02
O3 PO4 F . 7.92 8.15 3.15
O4 PO4 F . 8.68 5.75 3.30
#